data_3N8E
#
_entry.id   3N8E
#
_cell.length_a   118.680
_cell.length_b   118.680
_cell.length_c   159.870
_cell.angle_alpha   90.00
_cell.angle_beta   90.00
_cell.angle_gamma   120.00
#
_symmetry.space_group_name_H-M   'P 62 2 2'
#
loop_
_entity.id
_entity.type
_entity.pdbx_description
1 polymer 'Stress-70 protein, mitochondrial'
2 water water
#
_entity_poly.entity_id   1
_entity_poly.type   'polypeptide(L)'
_entity_poly.pdbx_seq_one_letter_code
;MHHHHHHSSGVDLGTENLYFQSMDVTPLSLGIETLGGVFTKLINRNTTIPTKKSQVFSTAADGQTQVEIKVCQGEREMAG
DNKLLGQFTLIGIPPAPRGVPQIEVTFDIDANGIVHVSAKDKGTGREQQIVIQSSGGLSKDDIENMVKNAEKYAEEDRRK
KERVEAVNMAEGIIHDTETKME
;
_entity_poly.pdbx_strand_id   A,B
#
# COMPACT_ATOMS: atom_id res chain seq x y z
N ASP A 24 18.81 24.61 25.99
CA ASP A 24 18.14 23.33 26.25
C ASP A 24 17.33 22.87 25.03
N VAL A 25 17.45 21.57 24.64
CA VAL A 25 16.81 21.05 23.42
C VAL A 25 16.10 19.68 23.62
N THR A 26 15.14 19.33 22.70
CA THR A 26 14.41 18.04 22.74
C THR A 26 15.39 16.89 22.42
N PRO A 27 15.51 15.88 23.30
CA PRO A 27 16.47 14.78 23.04
C PRO A 27 16.05 13.91 21.87
N LEU A 28 14.71 13.71 21.71
CA LEU A 28 14.15 12.90 20.64
C LEU A 28 12.95 13.60 19.99
N SER A 29 12.64 13.20 18.75
CA SER A 29 11.52 13.70 17.96
C SER A 29 10.22 13.34 18.64
N LEU A 30 9.27 14.28 18.63
CA LEU A 30 7.94 14.12 19.23
C LEU A 30 6.88 14.26 18.19
N GLY A 31 5.81 13.50 18.35
CA GLY A 31 4.69 13.51 17.42
C GLY A 31 3.54 12.70 17.95
N ILE A 32 2.60 12.33 17.07
CA ILE A 32 1.41 11.55 17.43
C ILE A 32 1.20 10.40 16.45
N GLU A 33 0.43 9.40 16.88
CA GLU A 33 0.11 8.28 16.01
C GLU A 33 -1.08 8.66 15.15
N THR A 34 -0.96 8.49 13.84
CA THR A 34 -2.03 8.80 12.90
C THR A 34 -2.41 7.50 12.15
N LEU A 35 -3.45 7.60 11.26
CA LEU A 35 -4.03 6.49 10.50
C LEU A 35 -2.99 5.54 9.92
N GLY A 36 -3.14 4.26 10.26
CA GLY A 36 -2.30 3.17 9.80
C GLY A 36 -1.13 2.81 10.70
N GLY A 37 -1.01 3.53 11.83
CA GLY A 37 0.04 3.33 12.81
C GLY A 37 1.25 4.21 12.61
N VAL A 38 1.23 5.04 11.55
CA VAL A 38 2.32 5.96 11.19
C VAL A 38 2.50 6.99 12.29
N PHE A 39 3.77 7.35 12.53
CA PHE A 39 4.15 8.35 13.50
C PHE A 39 4.30 9.69 12.79
N THR A 40 3.35 10.60 13.03
CA THR A 40 3.43 11.93 12.44
C THR A 40 4.24 12.80 13.38
N LYS A 41 5.43 13.20 12.92
CA LYS A 41 6.36 14.03 13.67
C LYS A 41 5.84 15.45 13.75
N LEU A 42 5.88 16.06 14.95
CA LEU A 42 5.45 17.45 15.11
C LEU A 42 6.60 18.36 15.57
N ILE A 43 7.53 17.82 16.39
CA ILE A 43 8.72 18.53 16.87
C ILE A 43 9.93 17.64 16.61
N ASN A 44 10.81 18.05 15.66
CA ASN A 44 12.02 17.29 15.33
C ASN A 44 13.01 17.37 16.49
N ARG A 45 13.79 16.30 16.70
CA ARG A 45 14.76 16.30 17.78
C ARG A 45 15.78 17.41 17.64
N ASN A 46 16.29 17.89 18.78
CA ASN A 46 17.28 18.96 18.95
C ASN A 46 16.67 20.34 18.64
N THR A 47 15.36 20.50 18.95
CA THR A 47 14.62 21.77 18.84
C THR A 47 14.78 22.46 20.17
N THR A 48 15.08 23.77 20.18
CA THR A 48 15.25 24.47 21.45
C THR A 48 13.93 24.53 22.19
N ILE A 49 13.97 24.25 23.51
CA ILE A 49 12.79 24.33 24.37
C ILE A 49 12.87 25.65 25.20
N PRO A 50 11.76 26.40 25.40
CA PRO A 50 10.36 26.13 25.00
C PRO A 50 10.14 26.20 23.48
N THR A 51 9.06 25.53 22.99
CA THR A 51 8.69 25.46 21.58
C THR A 51 7.17 25.19 21.45
N LYS A 52 6.59 25.53 20.28
CA LYS A 52 5.17 25.33 19.93
C LYS A 52 5.10 24.88 18.49
N LYS A 53 4.22 23.93 18.16
CA LYS A 53 4.05 23.45 16.79
C LYS A 53 2.65 22.92 16.62
N SER A 54 1.96 23.39 15.59
CA SER A 54 0.58 22.99 15.26
C SER A 54 0.51 22.30 13.90
N GLN A 55 -0.54 21.48 13.74
CA GLN A 55 -0.90 20.78 12.51
C GLN A 55 -2.34 20.42 12.61
N VAL A 56 -3.08 20.53 11.50
CA VAL A 56 -4.50 20.19 11.47
C VAL A 56 -4.64 18.78 10.88
N PHE A 57 -5.54 18.01 11.46
CA PHE A 57 -5.79 16.63 11.07
C PHE A 57 -7.27 16.46 10.90
N SER A 58 -7.70 15.27 10.48
CA SER A 58 -9.11 14.99 10.37
C SER A 58 -9.42 13.53 10.68
N THR A 59 -10.71 13.17 10.63
CA THR A 59 -11.20 11.85 10.95
C THR A 59 -10.90 10.84 9.82
N ALA A 60 -10.65 9.58 10.18
CA ALA A 60 -10.36 8.52 9.22
C ALA A 60 -11.64 7.89 8.68
N ALA A 61 -12.80 8.15 9.33
CA ALA A 61 -14.06 7.54 8.91
C ALA A 61 -15.28 8.44 9.06
N ASP A 62 -16.38 8.05 8.38
CA ASP A 62 -17.67 8.73 8.44
C ASP A 62 -18.27 8.55 9.83
N GLY A 63 -18.88 9.62 10.35
CA GLY A 63 -19.55 9.58 11.65
C GLY A 63 -18.67 9.55 12.88
N GLN A 64 -17.33 9.57 12.70
CA GLN A 64 -16.33 9.54 13.77
C GLN A 64 -16.56 10.68 14.75
N THR A 65 -16.94 10.32 15.99
CA THR A 65 -17.31 11.23 17.09
C THR A 65 -16.13 11.61 17.97
N GLN A 66 -15.03 10.83 17.89
CA GLN A 66 -13.85 11.07 18.71
C GLN A 66 -12.57 10.71 17.99
N VAL A 67 -11.44 11.29 18.44
CA VAL A 67 -10.10 11.02 17.90
C VAL A 67 -9.19 10.73 19.09
N GLU A 68 -8.37 9.67 18.98
CA GLU A 68 -7.45 9.32 20.05
C GLU A 68 -6.08 9.90 19.75
N ILE A 69 -5.57 10.74 20.66
CA ILE A 69 -4.23 11.36 20.55
C ILE A 69 -3.26 10.55 21.41
N LYS A 70 -2.36 9.78 20.75
CA LYS A 70 -1.30 9.01 21.40
C LYS A 70 0.00 9.78 21.16
N VAL A 71 0.49 10.48 22.18
CA VAL A 71 1.72 11.27 22.12
C VAL A 71 2.89 10.31 22.20
N CYS A 72 3.77 10.33 21.19
CA CYS A 72 4.90 9.43 21.05
C CYS A 72 6.22 10.16 20.92
N GLN A 73 7.30 9.43 21.26
CA GLN A 73 8.66 9.92 21.26
C GLN A 73 9.61 8.89 20.68
N GLY A 74 10.45 9.33 19.77
CA GLY A 74 11.39 8.47 19.10
C GLY A 74 11.73 8.90 17.69
N GLU A 75 12.48 8.06 16.98
CA GLU A 75 12.93 8.38 15.62
C GLU A 75 12.39 7.38 14.60
N ARG A 76 11.54 6.42 15.04
CA ARG A 76 10.98 5.40 14.16
C ARG A 76 9.77 5.93 13.39
N GLU A 77 9.58 5.41 12.16
CA GLU A 77 8.52 5.79 11.23
C GLU A 77 7.14 5.32 11.70
N MET A 78 7.06 4.23 12.50
CA MET A 78 5.78 3.71 12.98
C MET A 78 5.64 3.94 14.48
N ALA A 79 4.57 4.65 14.89
CA ALA A 79 4.31 5.04 16.29
C ALA A 79 4.64 3.95 17.30
N GLY A 80 4.15 2.73 17.06
CA GLY A 80 4.33 1.56 17.92
C GLY A 80 5.76 1.21 18.28
N ASP A 81 6.70 1.57 17.39
CA ASP A 81 8.13 1.35 17.58
C ASP A 81 8.77 2.47 18.41
N ASN A 82 7.98 3.49 18.78
CA ASN A 82 8.42 4.61 19.60
C ASN A 82 7.79 4.50 21.00
N LYS A 83 8.29 5.31 21.94
CA LYS A 83 7.82 5.35 23.31
C LYS A 83 6.52 6.15 23.38
N LEU A 84 5.48 5.55 23.97
CA LEU A 84 4.21 6.24 24.17
C LEU A 84 4.35 7.07 25.45
N LEU A 85 4.22 8.40 25.37
CA LEU A 85 4.38 9.29 26.52
C LEU A 85 3.08 9.59 27.25
N GLY A 86 2.00 9.67 26.50
CA GLY A 86 0.69 10.01 27.04
C GLY A 86 -0.41 9.73 26.04
N GLN A 87 -1.64 9.72 26.53
CA GLN A 87 -2.80 9.42 25.70
C GLN A 87 -4.03 10.10 26.19
N PHE A 88 -4.75 10.72 25.27
CA PHE A 88 -6.06 11.32 25.52
C PHE A 88 -6.92 11.20 24.26
N THR A 89 -8.21 11.39 24.45
CA THR A 89 -9.19 11.30 23.41
C THR A 89 -9.96 12.61 23.39
N LEU A 90 -10.14 13.15 22.17
CA LEU A 90 -10.91 14.36 21.97
C LEU A 90 -12.35 13.89 21.77
N ILE A 91 -13.23 14.33 22.66
CA ILE A 91 -14.64 13.94 22.75
C ILE A 91 -15.58 14.99 22.10
N GLY A 92 -16.67 14.49 21.52
CA GLY A 92 -17.73 15.33 20.99
C GLY A 92 -17.57 15.96 19.62
N ILE A 93 -16.93 15.24 18.69
CA ILE A 93 -16.84 15.71 17.31
C ILE A 93 -18.19 15.38 16.68
N PRO A 94 -18.96 16.39 16.20
CA PRO A 94 -20.26 16.08 15.56
C PRO A 94 -20.11 15.11 14.40
N PRO A 95 -21.03 14.13 14.21
CA PRO A 95 -20.87 13.21 13.07
C PRO A 95 -20.92 14.00 11.77
N ALA A 96 -19.90 13.76 10.95
CA ALA A 96 -19.68 14.39 9.66
C ALA A 96 -18.94 13.39 8.79
N PRO A 97 -18.90 13.51 7.44
CA PRO A 97 -18.19 12.49 6.65
C PRO A 97 -16.68 12.49 6.89
N ARG A 98 -16.01 11.35 6.60
CA ARG A 98 -14.56 11.14 6.68
C ARG A 98 -13.79 12.37 6.15
N GLY A 99 -12.79 12.81 6.89
CA GLY A 99 -11.98 13.94 6.48
C GLY A 99 -12.57 15.34 6.57
N VAL A 100 -13.85 15.49 6.99
CA VAL A 100 -14.44 16.83 7.07
C VAL A 100 -13.97 17.56 8.34
N PRO A 101 -14.12 17.00 9.59
CA PRO A 101 -13.73 17.76 10.80
C PRO A 101 -12.29 18.26 10.78
N GLN A 102 -12.07 19.46 11.32
CA GLN A 102 -10.75 20.07 11.30
C GLN A 102 -10.21 20.12 12.71
N ILE A 103 -9.30 19.17 13.02
CA ILE A 103 -8.76 18.96 14.36
C ILE A 103 -7.37 19.57 14.47
N GLU A 104 -7.27 20.71 15.16
CA GLU A 104 -5.96 21.31 15.31
C GLU A 104 -5.26 20.73 16.54
N VAL A 105 -4.14 20.05 16.32
CA VAL A 105 -3.31 19.45 17.37
C VAL A 105 -2.07 20.36 17.57
N THR A 106 -1.87 20.86 18.79
CA THR A 106 -0.78 21.75 19.14
C THR A 106 0.13 21.16 20.21
N PHE A 107 1.43 21.11 19.93
CA PHE A 107 2.44 20.67 20.88
C PHE A 107 3.09 21.86 21.53
N ASP A 108 2.90 22.03 22.84
CA ASP A 108 3.53 23.09 23.62
C ASP A 108 4.50 22.45 24.55
N ILE A 109 5.76 22.87 24.53
CA ILE A 109 6.73 22.37 25.48
C ILE A 109 7.17 23.57 26.27
N ASP A 110 6.88 23.64 27.58
CA ASP A 110 7.27 24.80 28.38
C ASP A 110 8.78 24.77 28.70
N ALA A 111 9.28 25.81 29.41
CA ALA A 111 10.70 25.93 29.79
C ALA A 111 11.23 24.72 30.59
N ASN A 112 10.37 24.11 31.44
CA ASN A 112 10.73 22.95 32.28
C ASN A 112 10.68 21.64 31.49
N GLY A 113 10.44 21.75 30.18
CA GLY A 113 10.40 20.62 29.27
C GLY A 113 9.18 19.74 29.44
N ILE A 114 8.08 20.32 29.93
CA ILE A 114 6.84 19.58 30.15
C ILE A 114 6.01 19.71 28.88
N VAL A 115 5.61 18.54 28.34
CA VAL A 115 4.85 18.38 27.10
C VAL A 115 3.34 18.62 27.30
N HIS A 116 2.79 19.51 26.48
CA HIS A 116 1.36 19.84 26.41
C HIS A 116 0.90 19.54 24.99
N VAL A 117 -0.20 18.80 24.83
CA VAL A 117 -0.74 18.51 23.52
C VAL A 117 -2.23 18.79 23.55
N SER A 118 -2.69 19.86 22.89
CA SER A 118 -4.13 20.15 22.82
C SER A 118 -4.68 19.66 21.48
N ALA A 119 -5.96 19.35 21.44
CA ALA A 119 -6.67 18.94 20.24
C ALA A 119 -7.98 19.71 20.23
N LYS A 120 -8.22 20.52 19.18
CA LYS A 120 -9.41 21.38 19.13
C LYS A 120 -10.14 21.19 17.85
N ASP A 121 -11.48 20.94 17.93
CA ASP A 121 -12.36 20.86 16.74
C ASP A 121 -12.63 22.29 16.34
N LYS A 122 -11.92 22.81 15.32
CA LYS A 122 -12.02 24.21 14.84
C LYS A 122 -13.50 24.69 14.68
N GLY A 123 -14.36 23.80 14.17
CA GLY A 123 -15.79 24.05 13.98
C GLY A 123 -16.55 24.36 15.25
N THR A 124 -16.71 23.36 16.11
CA THR A 124 -17.43 23.45 17.40
C THR A 124 -16.69 24.30 18.43
N GLY A 125 -15.35 24.24 18.42
CA GLY A 125 -14.51 24.95 19.39
C GLY A 125 -14.13 24.06 20.58
N ARG A 126 -14.73 22.83 20.63
CA ARG A 126 -14.50 21.82 21.65
C ARG A 126 -13.02 21.47 21.69
N GLU A 127 -12.43 21.52 22.88
CA GLU A 127 -11.02 21.27 23.03
C GLU A 127 -10.70 20.64 24.37
N GLN A 128 -9.80 19.66 24.33
CA GLN A 128 -9.19 18.96 25.47
C GLN A 128 -7.69 18.94 25.25
N GLN A 129 -6.92 18.98 26.33
CA GLN A 129 -5.46 18.99 26.27
C GLN A 129 -4.89 18.05 27.32
N ILE A 130 -3.77 17.41 26.98
CA ILE A 130 -3.04 16.54 27.88
C ILE A 130 -1.77 17.28 28.35
N VAL A 131 -1.52 17.30 29.67
CA VAL A 131 -0.26 17.80 30.20
C VAL A 131 0.50 16.58 30.69
N ILE A 132 1.71 16.36 30.23
CA ILE A 132 2.52 15.19 30.63
C ILE A 132 3.56 15.68 31.68
N GLN A 133 3.12 15.82 32.97
CA GLN A 133 3.98 16.32 34.09
C GLN A 133 5.14 15.41 34.29
N SER A 134 4.89 14.11 34.19
CA SER A 134 5.90 13.11 34.36
C SER A 134 5.56 11.85 33.57
N SER A 135 6.44 11.57 32.61
CA SER A 135 6.49 10.34 31.83
C SER A 135 7.58 9.56 32.55
N GLY A 136 8.28 8.64 31.89
CA GLY A 136 9.36 7.99 32.61
C GLY A 136 10.62 8.84 32.69
N GLY A 137 11.73 8.16 32.84
CA GLY A 137 13.05 8.76 32.82
C GLY A 137 13.66 8.38 31.48
N LEU A 138 14.29 9.34 30.82
CA LEU A 138 14.92 9.06 29.55
C LEU A 138 16.44 9.15 29.73
N SER A 139 17.11 7.98 29.71
CA SER A 139 18.55 7.92 29.89
C SER A 139 19.29 8.17 28.56
N LYS A 140 20.55 8.65 28.65
CA LYS A 140 21.41 8.89 27.49
C LYS A 140 21.59 7.60 26.68
N ASP A 141 21.55 6.43 27.37
CA ASP A 141 21.67 5.11 26.76
C ASP A 141 20.41 4.79 25.94
N ASP A 142 19.19 5.09 26.50
CA ASP A 142 17.90 4.91 25.82
C ASP A 142 17.85 5.72 24.51
N ILE A 143 18.27 7.01 24.58
CA ILE A 143 18.33 7.98 23.47
C ILE A 143 19.21 7.43 22.34
N GLU A 144 20.45 7.05 22.67
CA GLU A 144 21.44 6.48 21.76
C GLU A 144 20.89 5.21 21.09
N ASN A 145 20.19 4.35 21.86
CA ASN A 145 19.60 3.10 21.35
C ASN A 145 18.50 3.38 20.35
N MET A 146 17.62 4.37 20.67
CA MET A 146 16.51 4.75 19.80
C MET A 146 17.06 5.28 18.48
N VAL A 147 18.10 6.14 18.53
CA VAL A 147 18.76 6.69 17.32
C VAL A 147 19.41 5.53 16.53
N LYS A 148 19.92 4.49 17.24
CA LYS A 148 20.54 3.30 16.65
C LYS A 148 19.52 2.47 15.85
N ASN A 149 18.44 1.98 16.49
CA ASN A 149 17.36 1.21 15.83
C ASN A 149 16.75 1.95 14.65
N ALA A 150 16.54 3.28 14.78
CA ALA A 150 16.00 4.15 13.73
C ALA A 150 16.83 4.08 12.46
N GLU A 151 18.17 3.99 12.60
CA GLU A 151 19.13 3.91 11.50
C GLU A 151 19.26 2.47 11.02
N LYS A 152 19.20 1.50 11.95
CA LYS A 152 19.26 0.08 11.65
C LYS A 152 18.07 -0.32 10.76
N TYR A 153 16.83 -0.09 11.27
CA TYR A 153 15.58 -0.44 10.61
C TYR A 153 15.06 0.61 9.60
N ALA A 154 15.85 1.64 9.27
CA ALA A 154 15.49 2.74 8.38
C ALA A 154 14.81 2.35 7.06
N GLU A 155 15.40 1.47 6.22
CA GLU A 155 14.77 1.13 4.93
C GLU A 155 13.61 0.13 5.10
N GLU A 156 13.60 -0.64 6.19
CA GLU A 156 12.50 -1.56 6.50
C GLU A 156 11.26 -0.69 6.88
N ASP A 157 11.52 0.39 7.64
CA ASP A 157 10.60 1.41 8.13
C ASP A 157 10.02 2.22 6.96
N ARG A 158 10.91 2.69 6.04
CA ARG A 158 10.59 3.50 4.85
C ARG A 158 9.55 2.80 3.96
N ARG A 159 9.74 1.48 3.76
CA ARG A 159 8.90 0.60 2.95
C ARG A 159 7.58 0.31 3.66
N LYS A 160 7.61 0.13 4.98
CA LYS A 160 6.37 -0.12 5.73
C LYS A 160 5.50 1.15 5.70
N LYS A 161 6.13 2.35 5.88
CA LYS A 161 5.48 3.66 5.86
C LYS A 161 4.86 3.92 4.52
N GLU A 162 5.65 3.71 3.45
CA GLU A 162 5.23 3.88 2.06
C GLU A 162 3.97 3.09 1.74
N ARG A 163 3.90 1.83 2.18
CA ARG A 163 2.77 0.94 1.93
C ARG A 163 1.52 1.46 2.62
N VAL A 164 1.62 1.83 3.91
CA VAL A 164 0.50 2.38 4.70
C VAL A 164 -0.05 3.64 3.98
N GLU A 165 0.85 4.53 3.55
CA GLU A 165 0.51 5.74 2.83
C GLU A 165 -0.33 5.44 1.57
N ALA A 166 -0.01 4.35 0.83
CA ALA A 166 -0.75 3.94 -0.37
C ALA A 166 -2.12 3.39 0.00
N VAL A 167 -2.20 2.56 1.05
CA VAL A 167 -3.47 2.01 1.55
C VAL A 167 -4.40 3.18 1.94
N ASN A 168 -3.86 4.14 2.69
CA ASN A 168 -4.59 5.32 3.16
C ASN A 168 -5.06 6.18 2.01
N MET A 169 -4.19 6.46 1.02
CA MET A 169 -4.55 7.23 -0.16
C MET A 169 -5.70 6.51 -0.93
N ALA A 170 -5.59 5.16 -1.10
CA ALA A 170 -6.58 4.30 -1.78
C ALA A 170 -7.93 4.34 -1.08
N GLU A 171 -7.94 4.39 0.27
CA GLU A 171 -9.13 4.49 1.11
C GLU A 171 -9.88 5.76 0.75
N GLY A 172 -9.14 6.85 0.53
CA GLY A 172 -9.67 8.14 0.11
C GLY A 172 -10.20 8.08 -1.31
N ILE A 173 -9.45 7.40 -2.20
CA ILE A 173 -9.82 7.20 -3.61
C ILE A 173 -11.17 6.48 -3.66
N ILE A 174 -11.34 5.39 -2.88
CA ILE A 174 -12.58 4.60 -2.82
C ILE A 174 -13.73 5.41 -2.18
N HIS A 175 -13.41 6.36 -1.31
CA HIS A 175 -14.41 7.19 -0.64
C HIS A 175 -14.91 8.37 -1.55
N ASP A 176 -14.13 8.75 -2.59
CA ASP A 176 -14.49 9.82 -3.53
C ASP A 176 -15.16 9.22 -4.81
N THR A 177 -16.21 8.42 -4.63
CA THR A 177 -16.91 7.74 -5.72
C THR A 177 -18.06 8.60 -6.36
N GLU A 178 -18.44 9.73 -5.72
CA GLU A 178 -19.46 10.65 -6.22
C GLU A 178 -18.90 11.59 -7.32
N THR A 179 -19.67 11.83 -8.39
CA THR A 179 -19.24 12.73 -9.44
C THR A 179 -19.47 14.17 -8.97
N LYS A 180 -18.54 15.07 -9.29
CA LYS A 180 -18.58 16.47 -8.89
C LYS A 180 -18.97 17.40 -10.06
N MET A 181 -19.34 18.65 -9.74
CA MET A 181 -19.74 19.70 -10.70
C MET A 181 -19.28 21.08 -10.29
N GLU A 182 -19.09 21.96 -11.29
CA GLU A 182 -18.75 23.38 -11.08
C GLU A 182 -20.04 24.26 -11.11
N ASP B 24 -12.28 -24.73 -32.69
CA ASP B 24 -11.12 -24.97 -31.83
C ASP B 24 -10.70 -23.66 -31.14
N VAL B 25 -11.39 -23.35 -30.02
CA VAL B 25 -11.21 -22.14 -29.22
C VAL B 25 -10.77 -22.47 -27.79
N THR B 26 -10.27 -21.46 -27.02
CA THR B 26 -9.82 -21.63 -25.63
C THR B 26 -11.02 -21.88 -24.70
N PRO B 27 -10.95 -22.96 -23.90
CA PRO B 27 -12.07 -23.29 -22.99
C PRO B 27 -12.29 -22.23 -21.93
N LEU B 28 -11.17 -21.70 -21.37
CA LEU B 28 -11.10 -20.68 -20.33
C LEU B 28 -9.98 -19.68 -20.62
N SER B 29 -10.08 -18.49 -19.97
CA SER B 29 -9.13 -17.39 -20.08
C SER B 29 -7.85 -17.79 -19.42
N LEU B 30 -6.74 -17.35 -20.01
CA LEU B 30 -5.38 -17.62 -19.53
C LEU B 30 -4.66 -16.32 -19.27
N GLY B 31 -3.79 -16.33 -18.27
CA GLY B 31 -3.02 -15.15 -17.93
C GLY B 31 -2.07 -15.36 -16.80
N ILE B 32 -1.58 -14.26 -16.22
CA ILE B 32 -0.61 -14.30 -15.15
C ILE B 32 -1.05 -13.48 -13.92
N GLU B 33 -0.33 -13.63 -12.82
CA GLU B 33 -0.55 -12.87 -11.59
C GLU B 33 0.27 -11.63 -11.70
N THR B 34 -0.36 -10.48 -11.47
CA THR B 34 0.32 -9.19 -11.49
C THR B 34 0.14 -8.53 -10.13
N LEU B 35 0.66 -7.29 -9.97
CA LEU B 35 0.65 -6.55 -8.71
C LEU B 35 -0.70 -6.59 -8.02
N GLY B 36 -0.67 -6.94 -6.73
CA GLY B 36 -1.86 -7.01 -5.89
C GLY B 36 -2.61 -8.33 -5.92
N GLY B 37 -2.15 -9.28 -6.74
CA GLY B 37 -2.72 -10.62 -6.89
C GLY B 37 -3.76 -10.70 -7.99
N VAL B 38 -3.83 -9.65 -8.80
CA VAL B 38 -4.76 -9.52 -9.92
C VAL B 38 -4.43 -10.57 -10.98
N PHE B 39 -5.48 -11.08 -11.64
CA PHE B 39 -5.33 -11.98 -12.76
C PHE B 39 -5.41 -11.14 -14.01
N THR B 40 -4.29 -11.06 -14.76
CA THR B 40 -4.16 -10.32 -16.01
C THR B 40 -4.28 -11.30 -17.18
N LYS B 41 -5.38 -11.18 -17.95
CA LYS B 41 -5.61 -12.02 -19.11
C LYS B 41 -4.61 -11.69 -20.21
N LEU B 42 -4.08 -12.74 -20.88
CA LEU B 42 -3.21 -12.63 -22.05
C LEU B 42 -4.00 -13.13 -23.25
N ILE B 43 -4.80 -14.20 -23.04
CA ILE B 43 -5.70 -14.82 -24.02
C ILE B 43 -7.07 -14.94 -23.39
N ASN B 44 -8.05 -14.26 -23.98
CA ASN B 44 -9.42 -14.27 -23.48
C ASN B 44 -10.10 -15.60 -23.81
N ARG B 45 -11.21 -15.92 -23.12
CA ARG B 45 -12.01 -17.12 -23.34
C ARG B 45 -12.66 -17.09 -24.74
N ASN B 46 -12.73 -18.26 -25.41
CA ASN B 46 -13.28 -18.48 -26.76
C ASN B 46 -12.40 -17.86 -27.87
N THR B 47 -11.10 -17.66 -27.59
CA THR B 47 -10.14 -17.16 -28.57
C THR B 47 -9.74 -18.35 -29.46
N THR B 48 -9.87 -18.16 -30.77
CA THR B 48 -9.57 -19.18 -31.77
C THR B 48 -8.08 -19.50 -31.73
N ILE B 49 -7.76 -20.78 -31.57
CA ILE B 49 -6.37 -21.24 -31.52
C ILE B 49 -6.01 -21.98 -32.84
N PRO B 50 -4.72 -22.00 -33.30
CA PRO B 50 -3.51 -21.39 -32.70
C PRO B 50 -3.59 -19.86 -32.67
N THR B 51 -2.84 -19.26 -31.72
CA THR B 51 -2.76 -17.81 -31.51
C THR B 51 -1.56 -17.47 -30.63
N LYS B 52 -1.00 -16.27 -30.86
CA LYS B 52 0.11 -15.70 -30.11
C LYS B 52 -0.29 -14.30 -29.63
N LYS B 53 -0.18 -14.07 -28.32
CA LYS B 53 -0.50 -12.78 -27.69
C LYS B 53 0.60 -12.40 -26.71
N SER B 54 0.88 -11.10 -26.59
CA SER B 54 1.94 -10.56 -25.74
C SER B 54 1.52 -9.27 -25.00
N GLN B 55 2.30 -8.94 -23.95
CA GLN B 55 2.11 -7.76 -23.11
C GLN B 55 3.42 -7.46 -22.41
N VAL B 56 3.70 -6.16 -22.22
CA VAL B 56 4.94 -5.76 -21.53
C VAL B 56 4.55 -5.27 -20.12
N PHE B 57 5.34 -5.72 -19.14
CA PHE B 57 5.17 -5.50 -17.71
C PHE B 57 6.45 -4.94 -17.12
N SER B 58 6.34 -4.39 -15.91
CA SER B 58 7.50 -3.85 -15.23
C SER B 58 7.50 -4.21 -13.76
N THR B 59 8.54 -3.76 -13.04
CA THR B 59 8.75 -4.07 -11.64
C THR B 59 7.84 -3.20 -10.77
N ALA B 60 7.54 -3.70 -9.58
CA ALA B 60 6.66 -3.04 -8.62
C ALA B 60 7.46 -2.32 -7.56
N ALA B 61 8.76 -2.62 -7.46
CA ALA B 61 9.65 -2.02 -6.47
C ALA B 61 10.98 -1.57 -7.06
N ASP B 62 11.63 -0.61 -6.37
CA ASP B 62 12.95 -0.09 -6.73
C ASP B 62 13.99 -1.20 -6.53
N GLY B 63 14.86 -1.39 -7.52
CA GLY B 63 15.95 -2.36 -7.49
C GLY B 63 15.55 -3.82 -7.45
N GLN B 64 14.50 -4.16 -8.20
CA GLN B 64 13.92 -5.49 -8.30
C GLN B 64 14.70 -6.34 -9.32
N THR B 65 15.40 -7.38 -8.79
CA THR B 65 16.24 -8.39 -9.47
C THR B 65 15.42 -9.35 -10.31
N GLN B 66 14.25 -9.74 -9.80
CA GLN B 66 13.43 -10.75 -10.46
C GLN B 66 11.96 -10.46 -10.50
N VAL B 67 11.25 -11.25 -11.30
CA VAL B 67 9.80 -11.27 -11.44
C VAL B 67 9.32 -12.76 -11.44
N GLU B 68 8.15 -13.05 -10.82
CA GLU B 68 7.63 -14.41 -10.81
C GLU B 68 6.43 -14.52 -11.71
N ILE B 69 6.49 -15.46 -12.66
CA ILE B 69 5.42 -15.70 -13.63
C ILE B 69 4.55 -16.87 -13.15
N LYS B 70 3.30 -16.57 -12.81
CA LYS B 70 2.33 -17.55 -12.34
C LYS B 70 1.28 -17.60 -13.39
N VAL B 71 1.31 -18.65 -14.24
CA VAL B 71 0.38 -18.86 -15.35
C VAL B 71 -0.88 -19.45 -14.78
N CYS B 72 -2.01 -18.74 -14.93
CA CYS B 72 -3.31 -19.09 -14.36
C CYS B 72 -4.39 -19.25 -15.42
N GLN B 73 -5.42 -20.03 -15.05
CA GLN B 73 -6.55 -20.37 -15.91
C GLN B 73 -7.82 -20.28 -15.13
N GLY B 74 -8.75 -19.51 -15.65
CA GLY B 74 -10.04 -19.26 -15.04
C GLY B 74 -10.63 -17.93 -15.45
N GLU B 75 -11.71 -17.54 -14.76
CA GLU B 75 -12.40 -16.29 -15.07
C GLU B 75 -12.49 -15.38 -13.84
N ARG B 76 -11.91 -15.80 -12.70
CA ARG B 76 -11.98 -14.98 -11.49
C ARG B 76 -11.02 -13.78 -11.62
N GLU B 77 -11.38 -12.65 -10.99
CA GLU B 77 -10.63 -11.41 -11.12
C GLU B 77 -9.28 -11.44 -10.39
N MET B 78 -9.10 -12.34 -9.41
CA MET B 78 -7.83 -12.53 -8.69
C MET B 78 -7.21 -13.85 -9.09
N ALA B 79 -5.91 -13.85 -9.46
CA ALA B 79 -5.15 -15.00 -9.89
C ALA B 79 -5.25 -16.24 -8.95
N GLY B 80 -5.15 -16.02 -7.63
CA GLY B 80 -5.25 -17.07 -6.62
C GLY B 80 -6.53 -17.90 -6.67
N ASP B 81 -7.67 -17.27 -7.07
CA ASP B 81 -8.98 -17.92 -7.21
C ASP B 81 -9.10 -18.75 -8.52
N ASN B 82 -8.05 -18.76 -9.37
CA ASN B 82 -8.00 -19.51 -10.65
C ASN B 82 -7.00 -20.68 -10.55
N LYS B 83 -6.97 -21.54 -11.59
CA LYS B 83 -6.12 -22.73 -11.63
C LYS B 83 -4.70 -22.36 -12.04
N LEU B 84 -3.73 -22.65 -11.17
CA LEU B 84 -2.33 -22.40 -11.45
C LEU B 84 -1.80 -23.49 -12.39
N LEU B 85 -1.46 -23.09 -13.63
CA LEU B 85 -0.99 -24.02 -14.67
C LEU B 85 0.52 -24.13 -14.76
N GLY B 86 1.24 -23.12 -14.27
CA GLY B 86 2.70 -23.09 -14.29
C GLY B 86 3.24 -21.93 -13.49
N GLN B 87 4.47 -22.08 -12.95
CA GLN B 87 5.12 -21.07 -12.13
C GLN B 87 6.65 -21.07 -12.34
N PHE B 88 7.23 -19.92 -12.71
CA PHE B 88 8.68 -19.76 -12.93
C PHE B 88 9.15 -18.34 -12.65
N THR B 89 10.41 -18.21 -12.21
CA THR B 89 11.09 -16.96 -11.87
C THR B 89 12.09 -16.54 -12.98
N LEU B 90 12.06 -15.24 -13.36
CA LEU B 90 13.00 -14.62 -14.29
C LEU B 90 13.93 -13.73 -13.43
N ILE B 91 15.18 -14.18 -13.18
CA ILE B 91 16.19 -13.48 -12.36
C ILE B 91 17.14 -12.62 -13.22
N GLY B 92 17.98 -11.85 -12.54
CA GLY B 92 18.97 -11.01 -13.20
C GLY B 92 18.44 -9.84 -14.00
N ILE B 93 17.49 -9.12 -13.42
CA ILE B 93 16.97 -7.89 -13.99
C ILE B 93 17.86 -6.86 -13.37
N PRO B 94 18.67 -6.12 -14.17
CA PRO B 94 19.60 -5.14 -13.58
C PRO B 94 18.86 -4.13 -12.69
N PRO B 95 19.33 -3.90 -11.43
CA PRO B 95 18.64 -2.97 -10.53
C PRO B 95 18.37 -1.60 -11.17
N ALA B 96 17.09 -1.22 -11.16
CA ALA B 96 16.53 -0.01 -11.75
C ALA B 96 15.25 0.38 -11.00
N PRO B 97 14.82 1.67 -11.06
CA PRO B 97 13.62 2.03 -10.29
C PRO B 97 12.37 1.35 -10.81
N ARG B 98 11.36 1.30 -9.92
CA ARG B 98 10.05 0.77 -10.18
C ARG B 98 9.52 1.30 -11.48
N GLY B 99 9.06 0.42 -12.35
CA GLY B 99 8.46 0.82 -13.62
C GLY B 99 9.37 0.87 -14.83
N VAL B 100 10.71 0.79 -14.62
CA VAL B 100 11.67 0.88 -15.72
C VAL B 100 11.84 -0.49 -16.51
N PRO B 101 12.31 -1.61 -15.87
CA PRO B 101 12.53 -2.86 -16.62
C PRO B 101 11.37 -3.23 -17.53
N GLN B 102 11.68 -3.62 -18.77
CA GLN B 102 10.62 -3.99 -19.71
C GLN B 102 10.61 -5.50 -19.90
N ILE B 103 9.66 -6.17 -19.21
CA ILE B 103 9.52 -7.63 -19.22
C ILE B 103 8.34 -8.02 -20.10
N GLU B 104 8.65 -8.63 -21.25
CA GLU B 104 7.62 -9.05 -22.18
C GLU B 104 7.22 -10.47 -21.87
N VAL B 105 5.91 -10.68 -21.72
CA VAL B 105 5.36 -12.00 -21.45
C VAL B 105 4.62 -12.43 -22.70
N THR B 106 4.96 -13.60 -23.24
CA THR B 106 4.35 -14.10 -24.46
C THR B 106 3.63 -15.41 -24.19
N PHE B 107 2.42 -15.55 -24.75
CA PHE B 107 1.63 -16.77 -24.68
C PHE B 107 1.38 -17.27 -26.11
N ASP B 108 2.10 -18.33 -26.51
CA ASP B 108 1.97 -18.91 -27.85
C ASP B 108 1.28 -20.28 -27.74
N ILE B 109 0.01 -20.36 -28.18
CA ILE B 109 -0.76 -21.61 -28.20
C ILE B 109 -0.74 -22.18 -29.63
N ASP B 110 -0.60 -23.52 -29.74
CA ASP B 110 -0.67 -24.26 -31.00
C ASP B 110 -2.09 -24.87 -31.15
N ALA B 111 -2.32 -25.68 -32.21
CA ALA B 111 -3.63 -26.29 -32.48
C ALA B 111 -4.11 -27.27 -31.36
N ASN B 112 -3.18 -28.05 -30.76
CA ASN B 112 -3.45 -29.04 -29.69
C ASN B 112 -4.01 -28.37 -28.44
N GLY B 113 -3.42 -27.23 -28.05
CA GLY B 113 -3.77 -26.46 -26.87
C GLY B 113 -2.57 -26.23 -25.97
N ILE B 114 -1.38 -26.59 -26.47
CA ILE B 114 -0.12 -26.43 -25.77
C ILE B 114 0.27 -24.95 -25.82
N VAL B 115 0.49 -24.37 -24.63
CA VAL B 115 0.87 -22.99 -24.45
C VAL B 115 2.36 -22.92 -24.18
N HIS B 116 3.08 -22.13 -24.98
CA HIS B 116 4.50 -21.85 -24.80
C HIS B 116 4.57 -20.48 -24.15
N VAL B 117 4.94 -20.42 -22.87
CA VAL B 117 4.98 -19.19 -22.11
C VAL B 117 6.42 -18.77 -21.92
N SER B 118 6.75 -17.52 -22.29
CA SER B 118 8.09 -16.96 -22.10
C SER B 118 8.04 -15.59 -21.43
N ALA B 119 9.07 -15.28 -20.66
CA ALA B 119 9.26 -13.97 -20.02
C ALA B 119 10.64 -13.49 -20.42
N LYS B 120 10.69 -12.43 -21.24
CA LYS B 120 11.93 -11.86 -21.77
C LYS B 120 12.15 -10.42 -21.30
N ASP B 121 13.32 -10.15 -20.69
CA ASP B 121 13.72 -8.79 -20.31
C ASP B 121 14.17 -8.11 -21.61
N LYS B 122 13.30 -7.26 -22.21
CA LYS B 122 13.52 -6.54 -23.48
C LYS B 122 14.89 -5.85 -23.53
N GLY B 123 15.32 -5.31 -22.38
CA GLY B 123 16.60 -4.65 -22.24
C GLY B 123 17.74 -5.63 -22.37
N THR B 124 18.11 -6.31 -21.26
CA THR B 124 19.21 -7.28 -21.15
C THR B 124 19.12 -8.50 -22.14
N GLY B 125 17.94 -8.78 -22.72
CA GLY B 125 17.76 -9.91 -23.63
C GLY B 125 17.53 -11.26 -22.95
N ARG B 126 17.81 -11.36 -21.60
CA ARG B 126 17.62 -12.57 -20.78
C ARG B 126 16.20 -13.08 -20.90
N GLU B 127 16.05 -14.38 -21.16
CA GLU B 127 14.77 -15.03 -21.33
C GLU B 127 14.70 -16.31 -20.51
N GLN B 128 13.47 -16.64 -20.10
CA GLN B 128 13.09 -17.82 -19.34
C GLN B 128 11.77 -18.30 -19.90
N GLN B 129 11.60 -19.61 -20.08
CA GLN B 129 10.35 -20.09 -20.68
C GLN B 129 9.93 -21.47 -20.19
N ILE B 130 8.62 -21.69 -20.25
CA ILE B 130 7.95 -22.93 -19.88
C ILE B 130 6.91 -23.29 -20.98
N VAL B 131 6.42 -24.51 -20.91
CA VAL B 131 5.39 -25.03 -21.80
C VAL B 131 4.33 -25.69 -20.89
N ILE B 132 3.04 -25.44 -21.16
CA ILE B 132 1.93 -25.97 -20.34
C ILE B 132 0.75 -26.49 -21.21
N GLN B 133 -0.18 -27.20 -20.57
CA GLN B 133 -1.37 -27.75 -21.19
C GLN B 133 -2.63 -27.03 -20.68
N SER B 134 -3.21 -26.13 -21.51
CA SER B 134 -4.48 -25.44 -21.19
C SER B 134 -5.62 -26.43 -21.46
N SER B 135 -5.39 -27.32 -22.46
CA SER B 135 -6.25 -28.45 -22.86
C SER B 135 -6.18 -29.54 -21.75
N GLY B 136 -5.23 -29.35 -20.83
CA GLY B 136 -5.03 -30.13 -19.61
C GLY B 136 -5.92 -29.55 -18.55
N GLY B 137 -7.20 -29.86 -18.68
CA GLY B 137 -8.28 -29.42 -17.81
C GLY B 137 -9.06 -30.61 -17.29
N LEU B 138 -9.46 -30.55 -16.02
CA LEU B 138 -10.18 -31.63 -15.34
C LEU B 138 -11.71 -31.58 -15.65
N SER B 139 -12.13 -32.21 -16.79
CA SER B 139 -13.49 -32.40 -17.36
C SER B 139 -14.19 -31.11 -17.83
N LYS B 140 -15.07 -31.25 -18.84
CA LYS B 140 -15.88 -30.16 -19.40
C LYS B 140 -16.97 -29.73 -18.40
N ASP B 141 -17.31 -30.61 -17.43
CA ASP B 141 -18.27 -30.36 -16.35
C ASP B 141 -17.74 -29.24 -15.45
N ASP B 142 -16.41 -29.23 -15.21
CA ASP B 142 -15.69 -28.27 -14.37
C ASP B 142 -15.33 -26.96 -15.10
N ILE B 143 -15.21 -26.99 -16.45
CA ILE B 143 -15.01 -25.78 -17.27
C ILE B 143 -16.28 -24.93 -17.07
N GLU B 144 -17.46 -25.59 -17.08
CA GLU B 144 -18.75 -24.96 -16.82
C GLU B 144 -18.92 -24.64 -15.30
N ASN B 145 -18.24 -25.40 -14.40
CA ASN B 145 -18.30 -25.14 -12.94
C ASN B 145 -17.54 -23.85 -12.62
N MET B 146 -16.35 -23.68 -13.25
CA MET B 146 -15.48 -22.52 -13.13
C MET B 146 -16.17 -21.27 -13.69
N VAL B 147 -16.89 -21.42 -14.84
CA VAL B 147 -17.66 -20.36 -15.50
C VAL B 147 -18.80 -19.94 -14.54
N LYS B 148 -19.40 -20.92 -13.83
CA LYS B 148 -20.48 -20.66 -12.87
C LYS B 148 -19.94 -20.05 -11.58
N ASN B 149 -18.79 -20.56 -11.06
CA ASN B 149 -18.08 -20.03 -9.87
C ASN B 149 -17.81 -18.53 -10.02
N ALA B 150 -17.40 -18.11 -11.25
CA ALA B 150 -17.12 -16.74 -11.65
C ALA B 150 -18.36 -15.87 -11.53
N GLU B 151 -19.45 -16.17 -12.31
CA GLU B 151 -20.75 -15.47 -12.31
C GLU B 151 -21.35 -15.33 -10.89
N LYS B 152 -21.04 -16.31 -10.01
CA LYS B 152 -21.49 -16.37 -8.64
C LYS B 152 -20.78 -15.30 -7.82
N TYR B 153 -19.45 -15.23 -7.92
CA TYR B 153 -18.67 -14.26 -7.16
C TYR B 153 -18.31 -12.98 -7.98
N ALA B 154 -19.05 -12.69 -9.07
CA ALA B 154 -18.82 -11.54 -9.95
C ALA B 154 -18.83 -10.16 -9.23
N GLU B 155 -19.76 -9.93 -8.29
CA GLU B 155 -19.86 -8.66 -7.57
C GLU B 155 -18.84 -8.60 -6.44
N GLU B 156 -18.59 -9.73 -5.78
CA GLU B 156 -17.59 -9.84 -4.72
C GLU B 156 -16.20 -9.47 -5.30
N ASP B 157 -15.91 -9.98 -6.51
CA ASP B 157 -14.70 -9.80 -7.28
C ASP B 157 -14.52 -8.36 -7.73
N ARG B 158 -15.57 -7.72 -8.29
CA ARG B 158 -15.43 -6.34 -8.76
C ARG B 158 -15.17 -5.37 -7.60
N ARG B 159 -15.57 -5.76 -6.37
CA ARG B 159 -15.33 -5.01 -5.14
C ARG B 159 -13.87 -5.14 -4.75
N LYS B 160 -13.35 -6.39 -4.80
CA LYS B 160 -11.97 -6.74 -4.50
C LYS B 160 -11.05 -6.08 -5.52
N LYS B 161 -11.35 -6.24 -6.83
CA LYS B 161 -10.56 -5.69 -7.92
C LYS B 161 -10.46 -4.17 -7.82
N GLU B 162 -11.57 -3.47 -7.56
CA GLU B 162 -11.52 -2.01 -7.48
C GLU B 162 -10.75 -1.50 -6.24
N ARG B 163 -10.72 -2.27 -5.16
CA ARG B 163 -9.98 -1.90 -3.94
C ARG B 163 -8.48 -2.06 -4.19
N VAL B 164 -8.08 -3.21 -4.71
CA VAL B 164 -6.70 -3.55 -5.04
C VAL B 164 -6.16 -2.57 -6.11
N GLU B 165 -6.94 -2.31 -7.17
CA GLU B 165 -6.52 -1.38 -8.22
C GLU B 165 -6.32 0.06 -7.72
N ALA B 166 -7.06 0.46 -6.66
CA ALA B 166 -6.92 1.78 -6.01
C ALA B 166 -5.61 1.84 -5.28
N VAL B 167 -5.18 0.70 -4.70
CA VAL B 167 -3.90 0.61 -3.95
C VAL B 167 -2.76 0.63 -4.97
N ASN B 168 -2.94 -0.03 -6.11
CA ASN B 168 -1.95 -0.08 -7.19
C ASN B 168 -1.70 1.31 -7.75
N MET B 169 -2.76 2.12 -7.89
CA MET B 169 -2.62 3.47 -8.38
C MET B 169 -1.93 4.38 -7.37
N ALA B 170 -2.35 4.33 -6.10
CA ALA B 170 -1.78 5.07 -4.99
C ALA B 170 -0.27 4.76 -4.86
N GLU B 171 0.13 3.48 -5.04
CA GLU B 171 1.53 3.06 -4.97
C GLU B 171 2.36 3.80 -6.03
N GLY B 172 1.78 3.98 -7.21
CA GLY B 172 2.40 4.70 -8.32
C GLY B 172 2.46 6.19 -8.05
N ILE B 173 1.34 6.78 -7.63
CA ILE B 173 1.25 8.20 -7.29
C ILE B 173 2.31 8.54 -6.20
N ILE B 174 2.44 7.69 -5.18
CA ILE B 174 3.41 7.89 -4.13
C ILE B 174 4.86 7.75 -4.68
N HIS B 175 5.10 6.81 -5.57
CA HIS B 175 6.43 6.65 -6.18
C HIS B 175 6.77 7.85 -7.15
N ASP B 176 5.77 8.66 -7.55
CA ASP B 176 5.97 9.80 -8.45
C ASP B 176 5.91 11.16 -7.69
N THR B 177 6.10 11.17 -6.35
CA THR B 177 6.01 12.42 -5.58
C THR B 177 7.07 13.48 -5.98
N GLU B 178 8.32 13.04 -6.28
CA GLU B 178 9.50 13.81 -6.68
C GLU B 178 9.16 14.91 -7.73
N THR B 179 9.56 16.16 -7.46
CA THR B 179 9.29 17.31 -8.30
C THR B 179 10.07 17.20 -9.60
N LYS B 180 9.45 17.60 -10.69
CA LYS B 180 10.00 17.46 -12.02
C LYS B 180 10.25 18.81 -12.69
N MET B 181 11.16 18.84 -13.68
CA MET B 181 11.51 20.06 -14.38
C MET B 181 11.54 19.89 -15.89
N GLU B 182 11.10 20.92 -16.60
CA GLU B 182 11.19 20.93 -18.06
C GLU B 182 12.64 21.35 -18.46
#